data_6U04
#
_entry.id   6U04
#
_cell.length_a   72.461
_cell.length_b   72.461
_cell.length_c   155.297
_cell.angle_alpha   90.000
_cell.angle_beta   90.000
_cell.angle_gamma   120.000
#
_symmetry.space_group_name_H-M   'P 61 2 2'
#
loop_
_entity.id
_entity.type
_entity.pdbx_description
1 polymer 'Histone H3.3,BRPF1, Peregrin'
2 non-polymer 'PRASEODYMIUM ION'
3 non-polymer 'ZINC ION'
4 water water
#
_entity_poly.entity_id   1
_entity_poly.type   'polypeptide(L)'
_entity_poly.pdbx_seq_one_letter_code
;ARTKQTARKSTGGSGSSDEDAVCCICNDGECQNSNVILFCDMCNLAVHQECYGVPYIPEGQWLCRRCLQSPSRAVDCALC
PNKGGAFKQTDDGRWAHVVCALWIPEVCFANTVFLEPIDSIEHIPPARWKLTCYICKQRGSGACIQCHKANCYTAFHVTC
AQQAGLYMKMEPVRETGANGTSFSVRKTAYCDIHTPPGSAR
;
_entity_poly.pdbx_strand_id   A
#
loop_
_chem_comp.id
_chem_comp.type
_chem_comp.name
_chem_comp.formula
PR non-polymer 'PRASEODYMIUM ION' 'Pr 3'
ZN non-polymer 'ZINC ION' 'Zn 2'
#
# COMPACT_ATOMS: atom_id res chain seq x y z
N ALA A 1 -13.62 15.60 11.18
CA ALA A 1 -12.84 14.40 10.98
C ALA A 1 -12.37 13.84 12.30
N ARG A 2 -12.09 12.55 12.35
CA ARG A 2 -11.62 11.89 13.56
C ARG A 2 -10.12 11.64 13.47
N THR A 3 -9.39 12.06 14.50
CA THR A 3 -7.94 11.86 14.60
C THR A 3 -7.56 11.12 15.89
N ALA A 21 -3.54 2.47 17.76
CA ALA A 21 -3.95 2.54 16.36
C ALA A 21 -2.82 3.07 15.48
N VAL A 22 -2.44 2.30 14.46
CA VAL A 22 -1.33 2.67 13.60
C VAL A 22 -1.86 2.91 12.18
N CYS A 23 -1.16 3.78 11.46
CA CYS A 23 -1.48 4.00 10.07
C CYS A 23 -1.33 2.69 9.30
N CYS A 24 -2.37 2.28 8.60
CA CYS A 24 -2.28 0.96 7.98
C CYS A 24 -1.42 0.94 6.73
N ILE A 25 -0.86 2.07 6.31
CA ILE A 25 0.02 2.09 5.16
C ILE A 25 1.48 1.93 5.58
N CYS A 26 1.92 2.70 6.58
CA CYS A 26 3.31 2.66 7.03
C CYS A 26 3.49 1.88 8.33
N ASN A 27 2.41 1.47 9.00
CA ASN A 27 2.45 0.70 10.24
C ASN A 27 3.13 1.44 11.38
N ASP A 28 3.27 2.75 11.27
CA ASP A 28 3.79 3.57 12.35
C ASP A 28 2.64 4.30 13.03
N GLY A 29 2.70 4.40 14.35
CA GLY A 29 1.71 5.11 15.12
C GLY A 29 2.05 6.55 15.44
N GLU A 30 3.27 6.99 15.10
CA GLU A 30 3.70 8.34 15.40
C GLU A 30 2.82 9.36 14.69
N CYS A 31 2.00 10.05 15.46
CA CYS A 31 1.12 11.11 14.98
C CYS A 31 1.72 12.46 15.34
N GLN A 32 1.33 13.50 14.61
CA GLN A 32 1.85 14.83 14.88
C GLN A 32 0.89 15.93 14.47
N SER A 34 0.53 18.37 12.23
CA SER A 34 0.95 18.63 10.85
C SER A 34 0.75 17.46 9.86
N ASN A 35 0.72 16.22 10.38
CA ASN A 35 0.57 15.00 9.57
C ASN A 35 -0.15 13.97 10.44
N VAL A 36 -1.46 14.15 10.61
CA VAL A 36 -2.19 13.40 11.62
C VAL A 36 -2.66 12.08 11.04
N ILE A 37 -3.04 11.17 11.92
CA ILE A 37 -3.67 9.93 11.53
C ILE A 37 -5.18 10.16 11.52
N LEU A 38 -5.79 10.04 10.35
CA LEU A 38 -7.22 10.19 10.14
C LEU A 38 -7.89 8.82 10.19
N PHE A 39 -9.14 8.82 10.62
CA PHE A 39 -9.96 7.62 10.64
C PHE A 39 -11.15 7.81 9.70
N CYS A 40 -11.35 6.86 8.80
CA CYS A 40 -12.54 6.92 7.97
C CYS A 40 -13.79 6.76 8.83
N ASP A 41 -14.72 7.69 8.71
N ASP A 41 -14.72 7.68 8.71
CA ASP A 41 -15.94 7.63 9.52
CA ASP A 41 -15.94 7.62 9.51
C ASP A 41 -16.83 6.46 9.15
C ASP A 41 -16.93 6.58 9.01
N MET A 42 -16.54 5.75 8.05
CA MET A 42 -17.37 4.64 7.61
C MET A 42 -16.74 3.27 7.80
N CYS A 43 -15.46 3.11 7.47
CA CYS A 43 -14.81 1.81 7.59
C CYS A 43 -13.74 1.79 8.67
N ASN A 44 -13.51 2.93 9.34
CA ASN A 44 -12.55 3.08 10.42
C ASN A 44 -11.11 2.84 9.99
N LEU A 45 -10.83 2.87 8.69
CA LEU A 45 -9.46 2.92 8.20
C LEU A 45 -8.68 4.03 8.89
N ALA A 46 -7.41 3.77 9.20
CA ALA A 46 -6.55 4.75 9.86
C ALA A 46 -5.32 4.99 9.00
N VAL A 47 -5.11 6.24 8.57
CA VAL A 47 -4.01 6.56 7.66
C VAL A 47 -3.44 7.93 8.00
N HIS A 48 -2.12 8.08 7.88
CA HIS A 48 -1.53 9.41 7.91
C HIS A 48 -2.03 10.22 6.72
N GLN A 49 -2.19 11.52 6.91
CA GLN A 49 -2.62 12.29 5.76
C GLN A 49 -1.55 12.29 4.67
N GLU A 50 -0.28 12.10 5.02
CA GLU A 50 0.77 12.03 4.02
C GLU A 50 0.98 10.63 3.44
N CYS A 51 0.53 9.58 4.13
CA CYS A 51 0.62 8.25 3.57
C CYS A 51 -0.54 7.98 2.59
N TYR A 52 -1.70 8.62 2.81
CA TYR A 52 -2.87 8.39 1.98
C TYR A 52 -3.15 9.51 0.99
N GLY A 53 -2.51 10.66 1.14
CA GLY A 53 -2.72 11.76 0.21
C GLY A 53 -3.86 12.70 0.58
N VAL A 54 -3.94 13.12 1.83
CA VAL A 54 -5.02 14.02 2.27
C VAL A 54 -4.43 15.36 2.69
N PRO A 55 -4.22 16.29 1.76
CA PRO A 55 -3.62 17.58 2.16
C PRO A 55 -4.53 18.44 3.03
N TYR A 56 -5.84 18.40 2.88
N TYR A 56 -5.84 18.37 2.89
CA TYR A 56 -6.66 19.17 3.81
CA TYR A 56 -6.79 19.15 3.67
C TYR A 56 -7.75 18.32 4.42
C TYR A 56 -7.71 18.21 4.44
N ILE A 57 -7.90 18.48 5.72
CA ILE A 57 -8.77 17.68 6.57
C ILE A 57 -10.10 18.41 6.73
N PRO A 58 -11.23 17.76 6.45
CA PRO A 58 -12.54 18.42 6.63
C PRO A 58 -12.94 18.55 8.09
N GLU A 59 -13.66 19.63 8.39
CA GLU A 59 -14.13 19.82 9.76
C GLU A 59 -15.12 18.73 10.15
N GLY A 60 -15.97 18.33 9.22
CA GLY A 60 -16.91 17.24 9.43
C GLY A 60 -16.31 15.88 9.11
N GLN A 61 -17.18 14.95 8.74
CA GLN A 61 -16.75 13.56 8.57
C GLN A 61 -15.77 13.43 7.41
N TRP A 62 -14.77 12.57 7.60
CA TRP A 62 -13.84 12.24 6.54
C TRP A 62 -14.12 10.82 6.07
N LEU A 63 -14.21 10.63 4.75
CA LEU A 63 -14.35 9.31 4.16
C LEU A 63 -13.15 9.00 3.29
N CYS A 64 -12.67 7.75 3.33
CA CYS A 64 -11.63 7.35 2.40
C CYS A 64 -12.21 7.18 1.00
N ARG A 65 -11.33 7.02 0.00
CA ARG A 65 -11.81 6.96 -1.38
C ARG A 65 -12.72 5.75 -1.62
N ARG A 66 -12.45 4.63 -0.94
CA ARG A 66 -13.29 3.45 -1.09
C ARG A 66 -14.70 3.71 -0.56
N CYS A 67 -14.80 4.29 0.63
CA CYS A 67 -16.14 4.53 1.17
C CYS A 67 -16.88 5.66 0.45
N LEU A 68 -16.17 6.59 -0.20
CA LEU A 68 -16.87 7.58 -1.02
C LEU A 68 -17.59 6.90 -2.19
N GLN A 69 -16.94 5.90 -2.79
CA GLN A 69 -17.37 5.30 -4.04
C GLN A 69 -18.12 3.99 -3.84
N SER A 70 -17.51 3.04 -3.13
CA SER A 70 -18.06 1.70 -2.93
C SER A 70 -18.35 1.45 -1.45
N PRO A 71 -19.30 2.20 -0.87
CA PRO A 71 -19.45 2.18 0.60
C PRO A 71 -19.95 0.85 1.15
N SER A 72 -20.79 0.13 0.43
CA SER A 72 -21.34 -1.12 0.94
C SER A 72 -20.76 -2.33 0.20
N ARG A 73 -19.51 -2.23 -0.24
CA ARG A 73 -18.88 -3.34 -0.95
C ARG A 73 -17.37 -3.21 -0.85
N ALA A 74 -16.71 -4.23 -0.32
CA ALA A 74 -15.26 -4.25 -0.27
C ALA A 74 -14.71 -4.41 -1.68
N VAL A 75 -13.42 -4.11 -1.83
CA VAL A 75 -12.80 -4.09 -3.14
C VAL A 75 -11.57 -5.00 -3.14
N ASP A 76 -11.15 -5.38 -4.34
CA ASP A 76 -9.95 -6.18 -4.55
C ASP A 76 -8.80 -5.27 -4.91
N CYS A 77 -7.59 -5.67 -4.52
CA CYS A 77 -6.39 -4.99 -4.99
C CYS A 77 -5.97 -5.57 -6.32
N ALA A 78 -5.66 -4.70 -7.28
CA ALA A 78 -5.21 -5.19 -8.56
C ALA A 78 -3.82 -5.82 -8.50
N LEU A 79 -3.09 -5.64 -7.41
CA LEU A 79 -1.69 -5.99 -7.34
C LEU A 79 -1.33 -7.07 -6.32
N CYS A 80 -2.30 -7.55 -5.53
CA CYS A 80 -2.03 -8.54 -4.49
C CYS A 80 -3.33 -9.28 -4.19
N PRO A 81 -3.26 -10.41 -3.48
CA PRO A 81 -4.49 -11.17 -3.15
C PRO A 81 -5.17 -10.77 -1.84
N ASN A 82 -4.67 -9.77 -1.13
CA ASN A 82 -5.16 -9.46 0.21
C ASN A 82 -6.19 -8.35 0.17
N LYS A 83 -7.08 -8.36 1.17
CA LYS A 83 -8.21 -7.45 1.28
C LYS A 83 -7.99 -6.53 2.49
N GLY A 84 -8.79 -5.45 2.58
CA GLY A 84 -8.64 -4.56 3.71
C GLY A 84 -7.45 -3.62 3.58
N GLY A 85 -7.31 -2.65 4.49
CA GLY A 85 -6.27 -1.64 4.33
C GLY A 85 -6.72 -0.53 3.39
N ALA A 86 -5.76 0.28 2.95
CA ALA A 86 -6.04 1.57 2.32
C ALA A 86 -5.96 1.48 0.79
N PHE A 87 -7.08 1.78 0.11
CA PHE A 87 -7.21 1.65 -1.34
C PHE A 87 -7.41 2.99 -2.03
N LYS A 88 -6.81 3.14 -3.21
CA LYS A 88 -7.20 4.18 -4.16
C LYS A 88 -7.67 3.52 -5.46
N GLN A 89 -8.47 4.24 -6.23
CA GLN A 89 -8.78 3.78 -7.57
C GLN A 89 -7.57 3.92 -8.47
N THR A 90 -7.45 3.01 -9.42
CA THR A 90 -6.46 3.16 -10.49
C THR A 90 -7.03 4.01 -11.61
N ASP A 91 -6.18 4.35 -12.57
CA ASP A 91 -6.66 5.05 -13.74
C ASP A 91 -7.24 4.12 -14.80
N ASP A 92 -7.30 2.80 -14.57
CA ASP A 92 -7.78 1.88 -15.59
C ASP A 92 -8.99 1.04 -15.14
N GLY A 93 -9.75 1.50 -14.16
CA GLY A 93 -10.99 0.84 -13.78
C GLY A 93 -10.90 -0.12 -12.61
N ARG A 94 -9.83 -0.08 -11.84
CA ARG A 94 -9.61 -1.03 -10.76
C ARG A 94 -9.40 -0.27 -9.45
N TRP A 95 -9.00 -1.02 -8.44
CA TRP A 95 -8.60 -0.51 -7.14
C TRP A 95 -7.26 -1.13 -6.81
N ALA A 96 -6.45 -0.43 -6.01
CA ALA A 96 -5.19 -0.99 -5.56
C ALA A 96 -4.85 -0.44 -4.19
N HIS A 97 -4.06 -1.21 -3.44
CA HIS A 97 -3.51 -0.73 -2.17
C HIS A 97 -2.54 0.42 -2.43
N VAL A 98 -2.60 1.45 -1.60
CA VAL A 98 -1.54 2.46 -1.63
C VAL A 98 -0.18 1.80 -1.42
N VAL A 99 -0.08 0.92 -0.42
CA VAL A 99 1.24 0.38 -0.11
C VAL A 99 1.75 -0.52 -1.24
N CYS A 100 0.84 -1.24 -1.91
CA CYS A 100 1.25 -2.03 -3.08
C CYS A 100 1.79 -1.12 -4.18
N ALA A 101 1.09 0.01 -4.44
CA ALA A 101 1.54 0.94 -5.46
C ALA A 101 2.86 1.58 -5.11
N LEU A 102 3.08 1.84 -3.80
CA LEU A 102 4.32 2.44 -3.35
C LEU A 102 5.50 1.51 -3.57
N TRP A 103 5.31 0.22 -3.33
CA TRP A 103 6.47 -0.67 -3.30
C TRP A 103 6.77 -1.35 -4.62
N ILE A 104 5.81 -1.46 -5.52
CA ILE A 104 6.09 -2.09 -6.81
C ILE A 104 6.75 -1.05 -7.71
N PRO A 105 7.97 -1.29 -8.20
CA PRO A 105 8.76 -0.19 -8.79
C PRO A 105 8.11 0.45 -10.00
N GLU A 106 7.41 -0.31 -10.84
CA GLU A 106 6.89 0.24 -12.09
C GLU A 106 5.57 0.98 -11.92
N VAL A 107 4.93 0.86 -10.77
CA VAL A 107 3.64 1.51 -10.51
C VAL A 107 3.93 2.90 -9.99
N CYS A 108 3.04 3.86 -10.21
CA CYS A 108 3.22 5.15 -9.57
C CYS A 108 1.87 5.81 -9.32
N PHE A 109 1.91 7.00 -8.75
CA PHE A 109 0.75 7.85 -8.53
C PHE A 109 0.81 9.01 -9.49
N ALA A 110 -0.29 9.26 -10.19
CA ALA A 110 -0.28 10.37 -11.14
C ALA A 110 -0.06 11.69 -10.41
N ASN A 111 -0.67 11.85 -9.24
CA ASN A 111 -0.51 13.06 -8.45
C ASN A 111 0.16 12.64 -7.16
N THR A 112 1.31 13.23 -6.87
CA THR A 112 2.07 12.80 -5.70
C THR A 112 1.65 13.52 -4.42
N VAL A 113 0.80 14.54 -4.50
CA VAL A 113 0.25 15.12 -3.29
C VAL A 113 -0.99 14.38 -2.84
N PHE A 114 -1.89 14.10 -3.78
CA PHE A 114 -3.13 13.40 -3.50
C PHE A 114 -2.96 11.90 -3.53
N LEU A 115 -1.79 11.41 -3.97
CA LEU A 115 -1.47 10.00 -4.07
C LEU A 115 -2.59 9.22 -4.75
N GLU A 116 -2.90 9.65 -5.97
CA GLU A 116 -3.94 9.07 -6.79
C GLU A 116 -3.89 9.74 -8.15
N PRO A 117 -4.47 9.12 -9.21
CA PRO A 117 -4.82 7.70 -9.24
C PRO A 117 -3.56 6.87 -9.22
N ILE A 118 -3.70 5.59 -8.90
CA ILE A 118 -2.63 4.62 -9.10
C ILE A 118 -2.59 4.27 -10.58
N ASP A 119 -1.46 4.48 -11.25
CA ASP A 119 -1.42 4.16 -12.67
C ASP A 119 -0.11 3.44 -13.03
N SER A 120 0.04 3.16 -14.33
CA SER A 120 1.20 2.53 -14.91
C SER A 120 1.31 1.06 -14.56
N ILE A 121 0.20 0.48 -14.09
CA ILE A 121 0.17 -0.94 -13.78
C ILE A 121 0.51 -1.77 -15.03
N GLU A 122 0.15 -1.28 -16.22
CA GLU A 122 0.50 -2.00 -17.44
C GLU A 122 2.01 -2.03 -17.72
N HIS A 123 2.81 -1.26 -16.97
CA HIS A 123 4.25 -1.33 -17.12
C HIS A 123 4.91 -2.33 -16.17
N ILE A 124 4.13 -3.02 -15.36
CA ILE A 124 4.71 -4.11 -14.56
C ILE A 124 5.16 -5.22 -15.50
N PRO A 125 6.39 -5.70 -15.39
CA PRO A 125 6.82 -6.80 -16.22
C PRO A 125 6.01 -8.04 -15.90
N PRO A 126 5.59 -8.80 -16.90
CA PRO A 126 4.86 -10.06 -16.65
C PRO A 126 5.54 -10.99 -15.68
N ALA A 127 6.87 -10.94 -15.59
CA ALA A 127 7.60 -11.76 -14.62
C ALA A 127 7.10 -11.59 -13.20
N ARG A 128 6.67 -10.39 -12.80
CA ARG A 128 6.24 -10.23 -11.40
C ARG A 128 5.04 -11.08 -11.09
N TRP A 129 4.22 -11.35 -12.10
CA TRP A 129 3.03 -12.17 -11.98
C TRP A 129 3.34 -13.65 -12.09
N LYS A 130 4.61 -13.99 -12.35
CA LYS A 130 5.06 -15.37 -12.41
C LYS A 130 5.86 -15.79 -11.20
N LEU A 131 6.32 -14.85 -10.38
CA LEU A 131 6.99 -15.21 -9.14
C LEU A 131 6.00 -15.85 -8.15
N THR A 132 6.53 -16.61 -7.21
CA THR A 132 5.72 -17.23 -6.17
C THR A 132 5.97 -16.51 -4.85
N CYS A 133 4.92 -15.91 -4.30
CA CYS A 133 5.04 -15.26 -2.99
C CYS A 133 5.43 -16.30 -1.96
N TYR A 134 6.55 -16.10 -1.26
CA TYR A 134 6.89 -17.17 -0.32
C TYR A 134 6.08 -17.10 0.96
N ILE A 135 5.29 -16.04 1.15
CA ILE A 135 4.46 -15.96 2.34
C ILE A 135 3.11 -16.63 2.12
N CYS A 136 2.35 -16.26 1.09
CA CYS A 136 1.07 -16.95 0.90
C CYS A 136 1.17 -18.15 -0.04
N LYS A 137 2.36 -18.41 -0.63
CA LYS A 137 2.66 -19.52 -1.56
C LYS A 137 1.89 -19.45 -2.88
N GLN A 138 1.32 -18.31 -3.26
CA GLN A 138 0.50 -18.22 -4.45
C GLN A 138 1.29 -17.58 -5.58
N ARG A 139 1.07 -18.10 -6.79
CA ARG A 139 1.63 -17.57 -8.03
C ARG A 139 0.49 -16.97 -8.86
N GLY A 140 0.75 -15.81 -9.47
CA GLY A 140 -0.22 -15.23 -10.38
C GLY A 140 -1.40 -14.52 -9.75
N SER A 141 -1.39 -14.30 -8.43
CA SER A 141 -2.48 -13.61 -7.77
C SER A 141 -2.12 -12.18 -7.40
N GLY A 142 -0.94 -11.72 -7.81
CA GLY A 142 -0.50 -10.36 -7.57
C GLY A 142 0.87 -10.17 -8.18
N ALA A 143 1.38 -8.95 -8.08
CA ALA A 143 2.71 -8.62 -8.59
C ALA A 143 3.69 -8.65 -7.42
N CYS A 144 4.56 -9.65 -7.40
CA CYS A 144 5.54 -9.75 -6.32
C CYS A 144 6.69 -8.77 -6.49
N ILE A 145 7.22 -8.31 -5.37
CA ILE A 145 8.55 -7.74 -5.32
C ILE A 145 9.51 -8.78 -4.75
N GLN A 146 10.79 -8.46 -4.79
CA GLN A 146 11.81 -9.38 -4.31
C GLN A 146 12.63 -8.76 -3.18
N CYS A 147 13.23 -9.64 -2.37
CA CYS A 147 14.17 -9.22 -1.36
C CYS A 147 15.26 -8.33 -1.96
N HIS A 148 15.55 -7.23 -1.27
CA HIS A 148 16.52 -6.27 -1.74
C HIS A 148 17.95 -6.80 -1.66
N LYS A 149 18.17 -7.86 -0.89
CA LYS A 149 19.49 -8.45 -0.78
C LYS A 149 19.97 -8.91 -2.16
N ALA A 150 21.16 -8.45 -2.56
CA ALA A 150 21.75 -8.88 -3.82
C ALA A 150 21.79 -10.39 -3.93
N ASN A 151 21.24 -10.90 -5.03
CA ASN A 151 21.23 -12.32 -5.36
C ASN A 151 20.33 -13.14 -4.44
N CYS A 152 19.47 -12.51 -3.64
CA CYS A 152 18.32 -13.18 -3.04
C CYS A 152 17.13 -12.98 -3.96
N TYR A 153 16.50 -14.07 -4.37
CA TYR A 153 15.38 -13.95 -5.28
C TYR A 153 14.06 -14.29 -4.61
N THR A 154 14.05 -14.40 -3.28
CA THR A 154 12.81 -14.62 -2.56
C THR A 154 11.82 -13.51 -2.89
N ALA A 155 10.59 -13.91 -3.22
CA ALA A 155 9.54 -13.01 -3.70
C ALA A 155 8.41 -12.96 -2.71
N PHE A 156 7.68 -11.83 -2.70
CA PHE A 156 6.51 -11.72 -1.84
C PHE A 156 5.60 -10.59 -2.32
N HIS A 157 4.31 -10.76 -2.10
CA HIS A 157 3.40 -9.64 -2.32
C HIS A 157 3.72 -8.56 -1.31
N VAL A 158 3.48 -7.31 -1.69
CA VAL A 158 3.78 -6.20 -0.78
C VAL A 158 3.00 -6.34 0.51
N THR A 159 1.70 -6.62 0.41
CA THR A 159 0.88 -6.74 1.61
C THR A 159 1.20 -8.00 2.40
N CYS A 160 1.59 -9.09 1.73
CA CYS A 160 2.03 -10.26 2.48
C CYS A 160 3.28 -9.95 3.30
N ALA A 161 4.25 -9.23 2.71
CA ALA A 161 5.40 -8.81 3.49
C ALA A 161 4.99 -7.94 4.67
N GLN A 162 4.08 -7.00 4.44
CA GLN A 162 3.58 -6.15 5.52
C GLN A 162 2.95 -6.99 6.64
N GLN A 163 2.00 -7.85 6.30
CA GLN A 163 1.29 -8.59 7.33
C GLN A 163 2.19 -9.60 8.03
N ALA A 164 3.19 -10.12 7.33
CA ALA A 164 4.10 -11.07 7.95
C ALA A 164 5.20 -10.39 8.75
N GLY A 165 5.24 -9.06 8.80
CA GLY A 165 6.25 -8.38 9.61
C GLY A 165 7.65 -8.51 9.05
N LEU A 166 7.80 -8.53 7.74
CA LEU A 166 9.11 -8.36 7.12
C LEU A 166 9.59 -6.92 7.26
N TYR A 167 10.92 -6.74 7.28
CA TYR A 167 11.46 -5.39 7.31
C TYR A 167 11.18 -4.68 5.98
N MET A 168 10.54 -3.52 6.05
CA MET A 168 10.20 -2.73 4.86
C MET A 168 10.43 -1.26 5.20
N LYS A 169 11.40 -0.63 4.53
CA LYS A 169 11.78 0.74 4.85
C LYS A 169 11.82 1.60 3.59
N MET A 170 11.18 2.77 3.67
CA MET A 170 11.37 3.85 2.70
C MET A 170 12.22 4.94 3.33
N GLU A 171 13.23 5.41 2.60
CA GLU A 171 14.23 6.29 3.20
C GLU A 171 14.90 7.21 2.18
N PRO A 172 14.77 8.54 2.34
CA PRO A 172 15.52 9.54 1.55
C PRO A 172 17.01 9.57 1.87
N VAL A 185 14.43 8.54 -2.91
CA VAL A 185 13.78 7.70 -1.91
C VAL A 185 13.88 6.21 -2.25
N ARG A 186 14.70 5.50 -1.49
CA ARG A 186 14.88 4.07 -1.64
C ARG A 186 13.82 3.31 -0.84
N LYS A 187 13.31 2.24 -1.42
CA LYS A 187 12.28 1.42 -0.77
C LYS A 187 12.79 -0.02 -0.75
N THR A 188 13.36 -0.41 0.38
CA THR A 188 14.00 -1.70 0.55
C THR A 188 13.14 -2.60 1.43
N ALA A 189 12.88 -3.82 0.94
CA ALA A 189 12.16 -4.85 1.67
C ALA A 189 13.00 -6.12 1.65
N TYR A 190 13.00 -6.87 2.75
CA TYR A 190 13.89 -8.01 2.89
C TYR A 190 13.14 -9.24 3.40
N CYS A 191 13.53 -10.41 2.91
CA CYS A 191 13.07 -11.62 3.54
C CYS A 191 13.70 -11.75 4.93
N ASP A 192 13.21 -12.72 5.71
CA ASP A 192 13.62 -12.81 7.11
C ASP A 192 15.06 -13.29 7.28
N ILE A 193 15.67 -13.87 6.23
CA ILE A 193 17.09 -14.18 6.29
C ILE A 193 17.92 -12.91 6.23
N HIS A 194 17.41 -11.87 5.56
CA HIS A 194 18.21 -10.73 5.16
C HIS A 194 17.79 -9.42 5.79
N THR A 195 16.96 -9.47 6.82
CA THR A 195 16.66 -8.31 7.65
C THR A 195 17.95 -7.55 8.00
N PRO A 196 18.05 -6.28 7.64
CA PRO A 196 19.32 -5.56 7.78
C PRO A 196 19.53 -5.04 9.19
N PRO A 197 20.76 -4.69 9.54
CA PRO A 197 21.04 -4.16 10.87
C PRO A 197 20.24 -2.92 11.22
N GLY A 198 19.95 -2.80 12.51
CA GLY A 198 19.17 -1.70 13.04
C GLY A 198 18.99 -1.93 14.53
PR PR B . -2.00 5.76 -17.37
ZN ZN C . -2.49 -4.89 -2.72
ZN ZN D . 1.42 -13.41 -0.93
ZN ZN E . -13.45 4.04 4.47
ZN ZN F . 16.49 -12.35 1.10
ZN ZN G . 1.46 6.26 7.64
#